data_6N7D
#
_entry.id   6N7D
#
_cell.length_a   169.990
_cell.length_b   42.650
_cell.length_c   44.890
_cell.angle_alpha   90.00
_cell.angle_beta   90.00
_cell.angle_gamma   90.00
#
_symmetry.space_group_name_H-M   'P 21 21 2'
#
loop_
_entity.id
_entity.type
_entity.pdbx_description
1 polymer 'Tyrosine-protein kinase JAK1'
2 non-polymer N-[5-(6-methoxy-1H-indazol-5-yl)-1H-pyrazol-4-yl]pyrazolo[1,5-a]pyrimidine-3-carboxamide
3 non-polymer GLYCEROL
4 water water
#
_entity_poly.entity_id   1
_entity_poly.type   'polypeptide(L)'
_entity_poly.pdbx_seq_one_letter_code
;GDIVSEKKPATEVDPTHFEKRFLKRIRDLGEGHFGKVELCRYDPEGDNTGEQVAVKSLKPESGGNHIADLKKEIEILRNL
YHENIVKYKGICTEDGGNGIKLIMEFLPSGSLKEYLPKNKNKINLKQQLKYAVQICKGMDYLGSRQYVHRDLAARNVLVE
SEHQVKIGDFGLTKAIETDKE(PTR)(PTR)TVKDDRDSPVFWYAPECLMQSKFYIASDVWSFGVTLHELLTYCDSDSSP
MALFLKMIGPTHGQMTVTRLVNTLKEGKRLPCPPNCPDEVYQLMRKCWEFQPSNRTSFQNLIEGFEALLK
;
_entity_poly.pdbx_strand_id   A
#
loop_
_chem_comp.id
_chem_comp.type
_chem_comp.name
_chem_comp.formula
GOL non-polymer GLYCEROL 'C3 H8 O3'
KF4 non-polymer N-[5-(6-methoxy-1H-indazol-5-yl)-1H-pyrazol-4-yl]pyrazolo[1,5-a]pyrimidine-3-carboxamide 'C18 H14 N8 O2'
#
# COMPACT_ATOMS: atom_id res chain seq x y z
N VAL A 13 30.21 -17.04 -1.35
CA VAL A 13 29.03 -16.69 -0.55
C VAL A 13 28.24 -15.53 -1.22
N ASP A 14 26.93 -15.75 -1.46
CA ASP A 14 26.03 -14.78 -2.06
C ASP A 14 25.45 -13.97 -0.90
N PRO A 15 25.65 -12.64 -0.85
CA PRO A 15 25.09 -11.88 0.28
C PRO A 15 23.56 -11.81 0.33
N THR A 16 22.90 -12.26 -0.76
CA THR A 16 21.43 -12.25 -0.85
C THR A 16 20.83 -13.63 -0.57
N HIS A 17 21.67 -14.62 -0.22
CA HIS A 17 21.21 -15.97 0.08
C HIS A 17 21.35 -16.23 1.58
N PHE A 18 20.21 -16.26 2.28
CA PHE A 18 20.11 -16.43 3.73
C PHE A 18 19.82 -17.90 4.02
N GLU A 19 20.63 -18.52 4.88
CA GLU A 19 20.43 -19.92 5.29
C GLU A 19 19.37 -20.00 6.38
N LYS A 20 18.41 -20.92 6.22
CA LYS A 20 17.32 -21.15 7.18
C LYS A 20 17.82 -21.39 8.62
N ARG A 21 18.89 -22.20 8.76
CA ARG A 21 19.47 -22.56 10.06
C ARG A 21 19.92 -21.33 10.90
N PHE A 22 20.23 -20.19 10.26
CA PHE A 22 20.65 -18.98 10.98
C PHE A 22 19.56 -17.93 11.14
N LEU A 23 18.39 -18.16 10.56
CA LEU A 23 17.27 -17.21 10.60
C LEU A 23 16.39 -17.49 11.82
N LYS A 24 16.63 -16.76 12.89
CA LYS A 24 15.95 -16.92 14.18
C LYS A 24 14.79 -15.98 14.35
N ARG A 25 13.59 -16.55 14.47
CA ARG A 25 12.37 -15.80 14.68
C ARG A 25 12.33 -15.10 16.04
N ILE A 26 11.99 -13.82 16.05
CA ILE A 26 11.87 -13.04 17.30
C ILE A 26 10.41 -12.87 17.61
N ARG A 27 9.65 -12.34 16.65
CA ARG A 27 8.20 -12.10 16.88
C ARG A 27 7.49 -11.87 15.57
N ASP A 28 6.14 -12.00 15.58
CA ASP A 28 5.31 -11.68 14.43
C ASP A 28 5.26 -10.18 14.28
N LEU A 29 5.15 -9.70 13.03
CA LEU A 29 4.97 -8.27 12.77
C LEU A 29 3.54 -8.01 12.33
N GLY A 30 3.03 -8.89 11.48
CA GLY A 30 1.66 -8.83 10.98
C GLY A 30 1.33 -9.98 10.06
N GLU A 31 0.03 -10.18 9.85
CA GLU A 31 -0.42 -11.22 8.95
C GLU A 31 -1.61 -10.79 8.14
N GLY A 32 -1.66 -11.32 6.93
CA GLY A 32 -2.76 -11.17 6.00
C GLY A 32 -3.46 -12.50 5.93
N HIS A 33 -4.23 -12.73 4.86
CA HIS A 33 -4.97 -13.97 4.67
C HIS A 33 -4.05 -15.15 4.36
N PHE A 34 -3.10 -15.01 3.41
CA PHE A 34 -2.19 -16.10 3.02
C PHE A 34 -0.73 -15.94 3.44
N GLY A 35 -0.34 -14.75 3.85
CA GLY A 35 1.05 -14.52 4.24
C GLY A 35 1.24 -13.88 5.58
N LYS A 36 2.50 -13.85 6.04
CA LYS A 36 2.81 -13.19 7.29
C LYS A 36 4.21 -12.63 7.21
N VAL A 37 4.46 -11.62 8.02
CA VAL A 37 5.78 -11.01 8.11
C VAL A 37 6.25 -11.16 9.56
N GLU A 38 7.48 -11.65 9.74
CA GLU A 38 8.06 -11.84 11.06
C GLU A 38 9.37 -11.09 11.21
N LEU A 39 9.67 -10.64 12.44
CA LEU A 39 10.97 -10.06 12.76
C LEU A 39 11.88 -11.26 13.05
N CYS A 40 13.03 -11.34 12.36
CA CYS A 40 14.03 -12.37 12.60
C CYS A 40 15.38 -11.71 12.78
N ARG A 41 16.32 -12.45 13.37
CA ARG A 41 17.70 -12.00 13.42
C ARG A 41 18.44 -13.02 12.56
N TYR A 42 19.27 -12.54 11.63
CA TYR A 42 20.08 -13.47 10.81
C TYR A 42 21.37 -13.57 11.59
N ASP A 43 21.52 -14.67 12.34
CA ASP A 43 22.59 -14.88 13.29
C ASP A 43 23.56 -16.03 12.96
N PRO A 44 24.45 -15.93 11.93
CA PRO A 44 25.38 -17.04 11.65
C PRO A 44 26.43 -17.32 12.75
N GLU A 45 26.71 -16.34 13.62
CA GLU A 45 27.66 -16.52 14.72
C GLU A 45 27.03 -17.17 15.96
N GLY A 46 25.70 -17.24 15.98
CA GLY A 46 24.92 -17.86 17.05
C GLY A 46 24.96 -17.19 18.42
N ASP A 47 25.27 -15.88 18.46
CA ASP A 47 25.38 -15.15 19.73
C ASP A 47 24.46 -13.93 19.88
N ASN A 48 23.42 -13.85 19.04
CA ASN A 48 22.39 -12.80 19.01
C ASN A 48 22.97 -11.41 18.68
N THR A 49 24.00 -11.37 17.79
CA THR A 49 24.63 -10.12 17.34
C THR A 49 24.28 -9.78 15.87
N GLY A 50 23.73 -10.75 15.13
CA GLY A 50 23.37 -10.60 13.73
C GLY A 50 22.34 -9.52 13.42
N GLU A 51 22.18 -9.21 12.15
CA GLU A 51 21.27 -8.17 11.69
C GLU A 51 19.79 -8.56 11.86
N GLN A 52 18.94 -7.61 12.28
CA GLN A 52 17.50 -7.87 12.34
C GLN A 52 16.97 -7.65 10.91
N VAL A 53 16.08 -8.54 10.44
CA VAL A 53 15.49 -8.52 9.08
C VAL A 53 14.00 -8.80 9.15
N ALA A 54 13.21 -8.31 8.18
CA ALA A 54 11.79 -8.68 8.11
C ALA A 54 11.71 -9.84 7.12
N VAL A 55 10.94 -10.88 7.46
CA VAL A 55 10.85 -12.09 6.65
C VAL A 55 9.39 -12.35 6.27
N LYS A 56 9.12 -12.36 4.96
CA LYS A 56 7.78 -12.63 4.46
C LYS A 56 7.71 -14.09 4.02
N SER A 57 6.72 -14.81 4.55
CA SER A 57 6.52 -16.21 4.16
C SER A 57 5.01 -16.51 4.05
N LEU A 58 4.65 -17.56 3.35
CA LEU A 58 3.24 -17.93 3.22
C LEU A 58 2.85 -18.84 4.38
N LYS A 59 1.57 -18.74 4.78
CA LYS A 59 0.98 -19.59 5.81
C LYS A 59 0.93 -21.05 5.31
N PRO A 60 1.18 -22.06 6.18
CA PRO A 60 1.13 -23.45 5.69
C PRO A 60 -0.29 -23.98 5.54
N HIS A 66 -0.30 -19.74 -4.48
CA HIS A 66 0.33 -18.57 -3.85
C HIS A 66 1.87 -18.60 -3.87
N ILE A 67 2.49 -19.80 -3.90
CA ILE A 67 3.96 -19.99 -3.97
C ILE A 67 4.51 -19.32 -5.24
N ALA A 68 3.83 -19.54 -6.39
CA ALA A 68 4.18 -18.94 -7.69
C ALA A 68 4.06 -17.43 -7.59
N ASP A 69 2.97 -16.95 -6.95
CA ASP A 69 2.75 -15.52 -6.78
C ASP A 69 3.84 -14.89 -5.90
N LEU A 70 4.29 -15.59 -4.81
CA LEU A 70 5.38 -15.05 -3.95
C LEU A 70 6.70 -14.97 -4.74
N LYS A 71 6.97 -15.99 -5.58
CA LYS A 71 8.20 -15.98 -6.38
C LYS A 71 8.23 -14.79 -7.34
N LYS A 72 7.08 -14.47 -7.95
CA LYS A 72 6.96 -13.32 -8.86
C LYS A 72 7.16 -12.00 -8.12
N GLU A 73 6.60 -11.94 -6.89
CA GLU A 73 6.68 -10.76 -6.02
C GLU A 73 8.14 -10.47 -5.63
N ILE A 74 8.88 -11.55 -5.31
CA ILE A 74 10.30 -11.51 -4.97
C ILE A 74 11.10 -10.92 -6.14
N GLU A 75 10.82 -11.36 -7.38
CA GLU A 75 11.54 -10.84 -8.54
C GLU A 75 11.25 -9.38 -8.82
N ILE A 76 9.99 -8.95 -8.61
CA ILE A 76 9.60 -7.54 -8.74
C ILE A 76 10.40 -6.70 -7.71
N LEU A 77 10.33 -7.08 -6.40
CA LEU A 77 11.00 -6.30 -5.36
C LEU A 77 12.54 -6.25 -5.52
N ARG A 78 13.14 -7.36 -5.96
CA ARG A 78 14.58 -7.45 -6.22
C ARG A 78 15.06 -6.37 -7.21
N ASN A 79 14.20 -5.96 -8.16
CA ASN A 79 14.56 -4.96 -9.18
C ASN A 79 14.03 -3.54 -8.91
N LEU A 80 13.45 -3.29 -7.73
CA LEU A 80 12.97 -1.94 -7.40
C LEU A 80 14.00 -1.30 -6.48
N TYR A 81 14.48 -0.10 -6.84
CA TYR A 81 15.47 0.66 -6.06
C TYR A 81 14.96 2.09 -5.94
N HIS A 82 14.37 2.43 -4.79
CA HIS A 82 13.84 3.79 -4.56
C HIS A 82 13.83 4.07 -3.07
N GLU A 83 14.08 5.35 -2.68
CA GLU A 83 14.11 5.71 -1.25
C GLU A 83 12.81 5.45 -0.51
N ASN A 84 11.67 5.43 -1.25
CA ASN A 84 10.35 5.18 -0.66
C ASN A 84 9.78 3.82 -0.98
N ILE A 85 10.67 2.85 -1.24
CA ILE A 85 10.29 1.46 -1.48
C ILE A 85 11.17 0.62 -0.56
N VAL A 86 10.55 -0.28 0.20
CA VAL A 86 11.28 -1.14 1.17
C VAL A 86 12.40 -1.91 0.45
N LYS A 87 13.56 -1.97 1.08
CA LYS A 87 14.75 -2.61 0.48
C LYS A 87 14.70 -4.12 0.56
N TYR A 88 14.82 -4.73 -0.59
CA TYR A 88 14.97 -6.17 -0.74
C TYR A 88 16.37 -6.49 -0.17
N LYS A 89 16.49 -7.57 0.61
CA LYS A 89 17.77 -8.03 1.15
C LYS A 89 18.16 -9.39 0.53
N GLY A 90 17.17 -10.24 0.27
CA GLY A 90 17.44 -11.55 -0.29
C GLY A 90 16.35 -12.59 -0.11
N ILE A 91 16.75 -13.86 -0.21
CA ILE A 91 15.82 -14.99 -0.11
C ILE A 91 16.37 -16.08 0.77
N CYS A 92 15.46 -16.92 1.23
CA CYS A 92 15.77 -18.12 1.99
C CYS A 92 14.97 -19.23 1.28
N THR A 93 15.67 -20.09 0.51
CA THR A 93 15.03 -21.17 -0.25
C THR A 93 14.83 -22.44 0.57
N GLY A 99 9.28 -24.00 -1.99
CA GLY A 99 9.31 -23.19 -0.77
C GLY A 99 10.33 -22.06 -0.81
N ILE A 100 9.90 -20.85 -0.40
CA ILE A 100 10.76 -19.65 -0.39
C ILE A 100 10.28 -18.60 0.62
N LYS A 101 11.23 -17.82 1.18
CA LYS A 101 10.93 -16.71 2.09
C LYS A 101 11.59 -15.44 1.51
N LEU A 102 10.90 -14.30 1.62
CA LEU A 102 11.42 -13.01 1.14
C LEU A 102 12.06 -12.29 2.31
N ILE A 103 13.35 -11.90 2.17
CA ILE A 103 14.09 -11.21 3.23
C ILE A 103 14.18 -9.75 2.86
N MET A 104 13.77 -8.87 3.80
CA MET A 104 13.79 -7.43 3.56
C MET A 104 14.38 -6.69 4.75
N GLU A 105 14.67 -5.40 4.57
CA GLU A 105 15.14 -4.60 5.69
C GLU A 105 14.02 -4.47 6.75
N PHE A 106 14.41 -4.35 8.01
CA PHE A 106 13.43 -4.24 9.10
C PHE A 106 13.22 -2.79 9.45
N LEU A 107 11.93 -2.35 9.44
CA LEU A 107 11.57 -0.97 9.82
C LEU A 107 10.85 -1.02 11.16
N PRO A 108 11.54 -0.66 12.27
CA PRO A 108 10.97 -0.83 13.63
C PRO A 108 9.64 -0.14 13.93
N SER A 109 9.31 0.96 13.24
CA SER A 109 8.06 1.67 13.54
C SER A 109 6.78 1.05 12.94
N GLY A 110 6.93 -0.01 12.16
CA GLY A 110 5.82 -0.78 11.63
C GLY A 110 4.99 -0.10 10.56
N SER A 111 3.72 -0.51 10.41
CA SER A 111 2.90 0.10 9.36
C SER A 111 2.35 1.44 9.76
N LEU A 112 1.92 2.28 8.77
CA LEU A 112 1.29 3.57 9.06
C LEU A 112 0.00 3.32 9.84
N LYS A 113 -0.68 2.20 9.55
CA LYS A 113 -1.94 1.84 10.18
C LYS A 113 -1.82 1.67 11.69
N GLU A 114 -0.70 1.10 12.16
CA GLU A 114 -0.36 0.90 13.56
C GLU A 114 0.32 2.14 14.17
N TYR A 115 1.21 2.77 13.41
CA TYR A 115 1.97 3.90 13.89
C TYR A 115 1.17 5.18 14.14
N LEU A 116 0.33 5.61 13.17
CA LEU A 116 -0.35 6.90 13.29
C LEU A 116 -1.23 7.03 14.54
N PRO A 117 -2.04 6.02 14.93
CA PRO A 117 -2.89 6.20 16.13
C PRO A 117 -2.11 6.41 17.43
N LYS A 118 -0.87 5.89 17.48
CA LYS A 118 0.01 5.97 18.65
C LYS A 118 0.93 7.19 18.64
N ASN A 119 1.00 7.91 17.51
CA ASN A 119 1.97 9.00 17.34
C ASN A 119 1.37 10.32 16.86
N LYS A 120 0.07 10.56 17.13
CA LYS A 120 -0.63 11.78 16.73
C LYS A 120 0.10 13.04 17.28
N ASN A 121 0.65 12.94 18.49
CA ASN A 121 1.35 14.10 19.08
C ASN A 121 2.62 14.51 18.29
N LYS A 122 3.30 13.54 17.65
CA LYS A 122 4.55 13.71 16.86
C LYS A 122 4.35 14.13 15.42
N ILE A 123 3.18 13.78 14.84
CA ILE A 123 2.90 13.95 13.41
C ILE A 123 1.80 14.99 13.21
N ASN A 124 2.17 16.15 12.63
CA ASN A 124 1.20 17.22 12.33
C ASN A 124 0.85 17.20 10.83
N LEU A 125 -0.03 18.10 10.39
CA LEU A 125 -0.43 18.17 8.97
C LEU A 125 0.74 18.26 7.98
N LYS A 126 1.73 19.13 8.26
CA LYS A 126 2.91 19.28 7.41
C LYS A 126 3.60 17.91 7.20
N GLN A 127 3.79 17.13 8.27
CA GLN A 127 4.42 15.80 8.15
C GLN A 127 3.52 14.82 7.39
N GLN A 128 2.19 14.90 7.60
CA GLN A 128 1.24 14.05 6.84
C GLN A 128 1.36 14.30 5.34
N LEU A 129 1.50 15.60 4.92
CA LEU A 129 1.63 15.96 3.52
C LEU A 129 2.97 15.52 2.95
N LYS A 130 4.02 15.53 3.78
CA LYS A 130 5.34 15.05 3.35
C LYS A 130 5.29 13.54 3.16
N TYR A 131 4.57 12.81 4.05
CA TYR A 131 4.38 11.35 3.85
C TYR A 131 3.61 11.14 2.56
N ALA A 132 2.61 12.00 2.31
CA ALA A 132 1.80 11.90 1.08
C ALA A 132 2.66 12.01 -0.17
N VAL A 133 3.58 13.00 -0.22
CA VAL A 133 4.52 13.19 -1.33
C VAL A 133 5.37 11.92 -1.51
N GLN A 134 5.91 11.40 -0.39
CA GLN A 134 6.77 10.21 -0.42
C GLN A 134 6.09 8.98 -0.98
N ILE A 135 4.81 8.74 -0.58
CA ILE A 135 4.04 7.61 -1.14
C ILE A 135 3.87 7.84 -2.67
N CYS A 136 3.54 9.07 -3.09
CA CYS A 136 3.40 9.40 -4.52
C CYS A 136 4.68 9.14 -5.30
N LYS A 137 5.84 9.45 -4.70
CA LYS A 137 7.13 9.21 -5.37
C LYS A 137 7.42 7.73 -5.55
N GLY A 138 7.21 6.92 -4.50
CA GLY A 138 7.41 5.49 -4.61
C GLY A 138 6.48 4.89 -5.66
N MET A 139 5.20 5.32 -5.64
CA MET A 139 4.19 4.84 -6.59
C MET A 139 4.51 5.26 -8.05
N ASP A 140 4.95 6.50 -8.23
CA ASP A 140 5.34 7.03 -9.55
C ASP A 140 6.50 6.23 -10.14
N TYR A 141 7.45 5.80 -9.26
CA TYR A 141 8.56 4.96 -9.64
C TYR A 141 8.09 3.56 -10.07
N LEU A 142 7.16 2.97 -9.30
CA LEU A 142 6.58 1.67 -9.60
C LEU A 142 5.89 1.72 -10.98
N GLY A 143 5.12 2.79 -11.24
CA GLY A 143 4.40 3.02 -12.50
C GLY A 143 5.33 3.13 -13.70
N SER A 144 6.49 3.75 -13.47
CA SER A 144 7.55 3.91 -14.50
C SER A 144 8.19 2.58 -14.88
N ARG A 145 8.12 1.59 -13.99
CA ARG A 145 8.65 0.25 -14.23
C ARG A 145 7.55 -0.66 -14.82
N GLN A 146 6.41 -0.05 -15.20
CA GLN A 146 5.20 -0.66 -15.78
C GLN A 146 4.53 -1.67 -14.84
N TYR A 147 4.36 -1.26 -13.57
CA TYR A 147 3.71 -2.18 -12.64
C TYR A 147 2.52 -1.49 -12.05
N VAL A 148 1.53 -2.30 -11.73
CA VAL A 148 0.35 -1.80 -11.05
C VAL A 148 0.30 -2.52 -9.68
N HIS A 149 0.13 -1.74 -8.59
CA HIS A 149 0.23 -2.22 -7.20
C HIS A 149 -0.98 -3.07 -6.77
N ARG A 150 -2.19 -2.56 -7.02
CA ARG A 150 -3.47 -3.23 -6.74
C ARG A 150 -3.84 -3.36 -5.25
N ASP A 151 -3.01 -2.87 -4.34
CA ASP A 151 -3.30 -3.04 -2.89
C ASP A 151 -2.80 -1.83 -2.09
N LEU A 152 -2.85 -0.61 -2.67
CA LEU A 152 -2.33 0.55 -1.97
C LEU A 152 -3.24 1.01 -0.84
N ALA A 153 -2.79 0.81 0.39
CA ALA A 153 -3.53 1.16 1.63
C ALA A 153 -2.52 1.45 2.71
N ALA A 154 -2.94 2.16 3.78
CA ALA A 154 -2.04 2.52 4.86
C ALA A 154 -1.40 1.31 5.54
N ARG A 155 -2.07 0.16 5.53
CA ARG A 155 -1.56 -1.08 6.15
C ARG A 155 -0.33 -1.62 5.38
N ASN A 156 -0.13 -1.15 4.13
CA ASN A 156 1.02 -1.52 3.28
C ASN A 156 2.13 -0.47 3.22
N VAL A 157 1.97 0.64 3.95
CA VAL A 157 2.99 1.68 4.00
C VAL A 157 3.74 1.51 5.35
N LEU A 158 5.05 1.51 5.31
CA LEU A 158 5.90 1.36 6.51
C LEU A 158 6.54 2.67 6.91
N VAL A 159 6.81 2.80 8.20
CA VAL A 159 7.41 4.01 8.75
C VAL A 159 8.87 3.76 9.05
N GLU A 160 9.74 4.44 8.31
CA GLU A 160 11.20 4.34 8.46
C GLU A 160 11.63 5.19 9.67
N SER A 161 11.00 6.37 9.82
CA SER A 161 11.22 7.32 10.92
C SER A 161 10.02 8.29 10.96
N GLU A 162 10.04 9.31 11.83
CA GLU A 162 8.96 10.28 11.81
C GLU A 162 9.02 11.17 10.53
N HIS A 163 10.15 11.13 9.79
CA HIS A 163 10.34 11.92 8.58
C HIS A 163 10.21 11.10 7.29
N GLN A 164 10.12 9.76 7.37
CA GLN A 164 10.11 8.97 6.13
C GLN A 164 9.23 7.74 6.16
N VAL A 165 8.54 7.49 5.02
CA VAL A 165 7.74 6.31 4.82
C VAL A 165 8.24 5.55 3.56
N LYS A 166 7.88 4.28 3.47
CA LYS A 166 8.23 3.44 2.31
C LYS A 166 7.03 2.51 2.01
N ILE A 167 6.80 2.20 0.71
CA ILE A 167 5.82 1.19 0.29
C ILE A 167 6.45 -0.14 0.69
N GLY A 168 5.74 -0.90 1.52
CA GLY A 168 6.30 -2.06 2.18
C GLY A 168 5.85 -3.44 1.80
N ASP A 169 4.99 -3.57 0.78
CA ASP A 169 4.45 -4.88 0.35
C ASP A 169 4.02 -4.82 -1.10
N PHE A 170 4.27 -5.90 -1.86
CA PHE A 170 3.98 -5.94 -3.32
C PHE A 170 3.27 -7.25 -3.68
N GLY A 171 2.56 -7.81 -2.69
CA GLY A 171 1.84 -9.08 -2.80
C GLY A 171 0.87 -9.25 -3.96
N LEU A 172 0.24 -8.15 -4.40
CA LEU A 172 -0.74 -8.17 -5.50
C LEU A 172 -0.22 -7.46 -6.75
N THR A 173 1.06 -7.04 -6.72
CA THR A 173 1.65 -6.25 -7.82
C THR A 173 1.77 -7.09 -9.10
N LYS A 174 1.34 -6.50 -10.21
CA LYS A 174 1.35 -7.13 -11.55
C LYS A 174 1.94 -6.21 -12.61
N ALA A 175 2.58 -6.79 -13.64
CA ALA A 175 3.12 -6.02 -14.76
C ALA A 175 2.05 -5.62 -15.79
N ILE A 176 2.05 -4.33 -16.22
CA ILE A 176 1.15 -3.77 -17.25
C ILE A 176 1.88 -3.83 -18.60
N GLU A 177 1.26 -4.50 -19.60
CA GLU A 177 1.84 -4.66 -20.93
C GLU A 177 2.06 -3.31 -21.66
N THR A 178 3.17 -3.21 -22.45
CA THR A 178 3.54 -2.03 -23.25
C THR A 178 2.39 -1.67 -24.22
N ASP A 179 2.13 -0.34 -24.41
CA ASP A 179 1.08 0.23 -25.25
C ASP A 179 -0.34 -0.11 -24.75
N LYS A 180 -0.42 -0.86 -23.63
CA LYS A 180 -1.68 -1.22 -22.95
C LYS A 180 -1.82 -0.32 -21.74
N GLU A 181 -3.05 -0.07 -21.33
CA GLU A 181 -3.29 0.77 -20.16
C GLU A 181 -3.55 -0.05 -18.89
N PTR A 182 -3.76 -1.39 -19.00
CA PTR A 182 -4.13 -2.24 -17.85
C PTR A 182 -3.75 -3.74 -17.86
O PTR A 182 -3.44 -4.29 -18.92
CB PTR A 182 -5.64 -2.10 -17.60
CG PTR A 182 -6.57 -2.58 -18.68
CD1 PTR A 182 -6.89 -1.77 -19.77
CD2 PTR A 182 -7.23 -3.80 -18.56
CE1 PTR A 182 -7.79 -2.19 -20.74
CE2 PTR A 182 -8.12 -4.23 -19.52
CZ PTR A 182 -8.39 -3.44 -20.63
OH PTR A 182 -9.34 -3.89 -21.56
P PTR A 182 -9.24 -3.92 -23.15
O1P PTR A 182 -8.95 -2.53 -23.72
O2P PTR A 182 -8.16 -4.97 -23.54
O3P PTR A 182 -10.60 -4.46 -23.59
N PTR A 183 -3.76 -4.40 -16.64
CA PTR A 183 -3.57 -5.86 -16.41
C PTR A 183 -4.97 -6.42 -16.13
O PTR A 183 -5.76 -5.75 -15.45
CB PTR A 183 -2.64 -6.25 -15.21
CG PTR A 183 -2.66 -7.70 -14.81
CD1 PTR A 183 -3.44 -8.13 -13.74
CD2 PTR A 183 -1.86 -8.65 -15.46
CE1 PTR A 183 -3.46 -9.47 -13.36
CE2 PTR A 183 -1.87 -9.98 -15.09
CZ PTR A 183 -2.68 -10.39 -14.02
OH PTR A 183 -2.77 -11.75 -13.56
P PTR A 183 -1.86 -13.01 -13.97
O1P PTR A 183 -1.97 -13.14 -15.49
O2P PTR A 183 -2.26 -14.28 -13.21
O3P PTR A 183 -0.41 -12.63 -13.66
N THR A 184 -5.25 -7.62 -16.63
CA THR A 184 -6.56 -8.26 -16.48
C THR A 184 -6.53 -9.26 -15.35
N VAL A 185 -7.21 -8.91 -14.25
CA VAL A 185 -7.24 -9.74 -13.05
C VAL A 185 -8.24 -10.88 -13.17
N LYS A 186 -7.76 -12.11 -12.92
CA LYS A 186 -8.54 -13.34 -12.94
C LYS A 186 -9.12 -13.65 -11.56
N ASP A 187 -8.28 -13.53 -10.51
CA ASP A 187 -8.67 -13.85 -9.14
C ASP A 187 -8.87 -12.56 -8.31
N ASP A 188 -10.15 -12.16 -8.06
CA ASP A 188 -10.52 -10.97 -7.29
C ASP A 188 -10.73 -11.27 -5.78
N ARG A 189 -10.44 -12.50 -5.34
CA ARG A 189 -10.72 -12.93 -3.97
C ARG A 189 -9.99 -12.17 -2.86
N ASP A 190 -8.79 -11.62 -3.12
CA ASP A 190 -8.05 -10.88 -2.06
C ASP A 190 -8.11 -9.34 -2.24
N SER A 191 -9.21 -8.83 -2.81
CA SER A 191 -9.40 -7.43 -3.16
C SER A 191 -9.90 -6.50 -2.03
N PRO A 192 -9.16 -5.40 -1.75
CA PRO A 192 -9.65 -4.40 -0.77
C PRO A 192 -10.66 -3.49 -1.50
N VAL A 193 -11.90 -3.94 -1.61
CA VAL A 193 -12.92 -3.29 -2.43
C VAL A 193 -13.19 -1.83 -2.04
N PHE A 194 -13.04 -1.44 -0.74
CA PHE A 194 -13.26 -0.05 -0.31
C PHE A 194 -12.09 0.90 -0.69
N TRP A 195 -11.03 0.37 -1.34
CA TRP A 195 -9.92 1.20 -1.84
C TRP A 195 -9.91 1.12 -3.38
N TYR A 196 -10.89 0.40 -3.97
CA TYR A 196 -10.87 0.13 -5.41
C TYR A 196 -11.64 1.11 -6.26
N ALA A 197 -11.04 1.49 -7.41
CA ALA A 197 -11.68 2.39 -8.37
C ALA A 197 -12.92 1.68 -9.01
N PRO A 198 -13.89 2.44 -9.58
CA PRO A 198 -15.07 1.80 -10.21
C PRO A 198 -14.75 0.81 -11.31
N GLU A 199 -13.73 1.06 -12.17
CA GLU A 199 -13.36 0.10 -13.22
C GLU A 199 -12.85 -1.24 -12.67
N CYS A 200 -12.22 -1.24 -11.48
CA CYS A 200 -11.71 -2.43 -10.80
C CYS A 200 -12.89 -3.25 -10.27
N LEU A 201 -13.87 -2.55 -9.70
CA LEU A 201 -15.06 -3.20 -9.19
C LEU A 201 -15.93 -3.79 -10.32
N MET A 202 -16.08 -3.04 -11.45
CA MET A 202 -16.95 -3.48 -12.54
C MET A 202 -16.36 -4.45 -13.54
N GLN A 203 -15.04 -4.34 -13.83
CA GLN A 203 -14.43 -5.15 -14.88
C GLN A 203 -13.09 -5.77 -14.48
N SER A 204 -12.62 -5.50 -13.25
CA SER A 204 -11.32 -5.99 -12.73
C SER A 204 -10.18 -5.54 -13.66
N LYS A 205 -10.32 -4.31 -14.18
CA LYS A 205 -9.40 -3.64 -15.09
C LYS A 205 -8.52 -2.81 -14.22
N PHE A 206 -7.21 -3.15 -14.20
CA PHE A 206 -6.26 -2.45 -13.34
CA PHE A 206 -6.28 -2.43 -13.35
C PHE A 206 -5.28 -1.65 -14.14
N TYR A 207 -5.46 -0.35 -14.11
CA TYR A 207 -4.69 0.70 -14.75
C TYR A 207 -3.79 1.37 -13.71
N ILE A 208 -2.77 2.11 -14.16
CA ILE A 208 -1.96 2.90 -13.23
C ILE A 208 -2.89 3.96 -12.57
N ALA A 209 -3.91 4.43 -13.33
CA ALA A 209 -4.91 5.36 -12.83
C ALA A 209 -5.71 4.72 -11.65
N SER A 210 -5.85 3.39 -11.65
CA SER A 210 -6.59 2.66 -10.58
C SER A 210 -5.80 2.78 -9.24
N ASP A 211 -4.45 2.83 -9.33
CA ASP A 211 -3.58 3.05 -8.16
C ASP A 211 -3.70 4.49 -7.64
N VAL A 212 -3.93 5.48 -8.53
CA VAL A 212 -4.14 6.87 -8.11
C VAL A 212 -5.43 6.94 -7.24
N TRP A 213 -6.50 6.23 -7.66
CA TRP A 213 -7.75 6.18 -6.91
C TRP A 213 -7.48 5.64 -5.48
N SER A 214 -6.76 4.50 -5.38
CA SER A 214 -6.40 3.87 -4.10
C SER A 214 -5.50 4.80 -3.26
N PHE A 215 -4.63 5.61 -3.90
CA PHE A 215 -3.80 6.57 -3.17
C PHE A 215 -4.70 7.60 -2.47
N GLY A 216 -5.74 8.05 -3.16
CA GLY A 216 -6.67 9.02 -2.56
C GLY A 216 -7.31 8.45 -1.30
N VAL A 217 -7.64 7.15 -1.33
CA VAL A 217 -8.23 6.47 -0.15
C VAL A 217 -7.16 6.39 0.97
N THR A 218 -5.91 6.04 0.60
CA THR A 218 -4.78 5.99 1.55
C THR A 218 -4.51 7.38 2.17
N LEU A 219 -4.64 8.46 1.38
CA LEU A 219 -4.47 9.82 1.85
C LEU A 219 -5.55 10.15 2.88
N HIS A 220 -6.79 9.72 2.64
CA HIS A 220 -7.89 9.92 3.61
C HIS A 220 -7.52 9.20 4.93
N GLU A 221 -7.03 7.96 4.85
CA GLU A 221 -6.61 7.23 6.05
C GLU A 221 -5.52 8.01 6.82
N LEU A 222 -4.47 8.45 6.10
CA LEU A 222 -3.34 9.17 6.69
C LEU A 222 -3.82 10.42 7.43
N LEU A 223 -4.74 11.18 6.82
CA LEU A 223 -5.29 12.42 7.36
C LEU A 223 -6.19 12.17 8.57
N THR A 224 -6.78 10.97 8.70
CA THR A 224 -7.59 10.64 9.88
C THR A 224 -6.75 9.91 10.93
N TYR A 225 -5.41 9.82 10.70
CA TYR A 225 -4.52 9.10 11.60
C TYR A 225 -4.89 7.62 11.70
N CYS A 226 -5.40 7.04 10.58
CA CYS A 226 -5.82 5.64 10.48
C CYS A 226 -6.80 5.23 11.56
N ASP A 227 -7.70 6.15 11.95
CA ASP A 227 -8.71 5.88 12.98
C ASP A 227 -9.64 4.79 12.45
N SER A 228 -9.81 3.71 13.24
CA SER A 228 -10.65 2.56 12.86
C SER A 228 -12.12 2.93 12.64
N ASP A 229 -12.67 3.81 13.50
CA ASP A 229 -14.08 4.23 13.40
C ASP A 229 -14.41 5.06 12.17
N SER A 230 -13.40 5.73 11.60
CA SER A 230 -13.51 6.56 10.40
C SER A 230 -12.75 5.92 9.24
N SER A 231 -12.59 4.59 9.26
CA SER A 231 -11.89 3.88 8.18
C SER A 231 -12.71 3.98 6.86
N PRO A 232 -12.08 3.78 5.69
CA PRO A 232 -12.86 3.82 4.43
C PRO A 232 -14.03 2.82 4.46
N MET A 233 -13.83 1.62 5.03
CA MET A 233 -14.87 0.62 5.13
C MET A 233 -16.05 1.14 6.01
N ALA A 234 -15.74 1.63 7.23
CA ALA A 234 -16.77 2.18 8.13
C ALA A 234 -17.54 3.32 7.47
N LEU A 235 -16.83 4.25 6.78
CA LEU A 235 -17.50 5.39 6.14
C LEU A 235 -18.34 5.02 4.95
N PHE A 236 -17.86 4.11 4.07
CA PHE A 236 -18.69 3.73 2.95
C PHE A 236 -19.94 2.97 3.42
N LEU A 237 -19.79 2.10 4.45
CA LEU A 237 -20.92 1.32 4.97
C LEU A 237 -22.03 2.22 5.53
N LYS A 238 -21.66 3.39 6.08
CA LYS A 238 -22.64 4.35 6.56
C LYS A 238 -23.33 5.06 5.38
N MET A 239 -22.58 5.28 4.27
CA MET A 239 -23.09 5.91 3.06
C MET A 239 -24.04 5.01 2.25
N ILE A 240 -23.74 3.72 2.18
CA ILE A 240 -24.51 2.78 1.35
C ILE A 240 -25.46 1.87 2.12
N GLY A 241 -25.29 1.77 3.43
CA GLY A 241 -26.09 0.89 4.27
C GLY A 241 -25.31 -0.40 4.52
N PRO A 242 -25.30 -0.93 5.75
CA PRO A 242 -24.49 -2.12 6.02
C PRO A 242 -25.21 -3.49 5.95
N THR A 243 -26.46 -3.54 5.42
CA THR A 243 -27.20 -4.80 5.38
C THR A 243 -27.48 -5.28 3.94
N HIS A 244 -26.54 -4.97 3.02
CA HIS A 244 -26.73 -5.37 1.64
C HIS A 244 -26.06 -6.70 1.29
N GLY A 245 -25.28 -7.27 2.21
CA GLY A 245 -24.63 -8.56 2.02
C GLY A 245 -23.86 -8.68 0.72
N GLN A 246 -24.28 -9.64 -0.13
CA GLN A 246 -23.65 -9.89 -1.42
C GLN A 246 -23.87 -8.75 -2.43
N MET A 247 -24.81 -7.80 -2.12
CA MET A 247 -25.10 -6.62 -2.98
C MET A 247 -24.24 -5.44 -2.63
N THR A 248 -23.39 -5.56 -1.60
CA THR A 248 -22.57 -4.46 -1.10
C THR A 248 -21.73 -3.78 -2.19
N VAL A 249 -20.91 -4.53 -2.94
CA VAL A 249 -20.11 -3.93 -4.01
C VAL A 249 -21.00 -3.29 -5.06
N THR A 250 -22.16 -3.89 -5.40
CA THR A 250 -23.08 -3.27 -6.38
C THR A 250 -23.55 -1.90 -5.84
N ARG A 251 -23.90 -1.84 -4.54
CA ARG A 251 -24.36 -0.59 -3.93
C ARG A 251 -23.23 0.45 -3.88
N LEU A 252 -22.00 -0.02 -3.67
CA LEU A 252 -20.81 0.83 -3.66
C LEU A 252 -20.60 1.40 -5.08
N VAL A 253 -20.73 0.54 -6.13
CA VAL A 253 -20.62 1.02 -7.51
C VAL A 253 -21.70 2.07 -7.80
N ASN A 254 -22.96 1.82 -7.36
CA ASN A 254 -24.05 2.78 -7.58
C ASN A 254 -23.78 4.14 -6.97
N THR A 255 -23.33 4.15 -5.70
CA THR A 255 -23.02 5.37 -4.96
C THR A 255 -21.90 6.17 -5.62
N LEU A 256 -20.87 5.47 -6.16
CA LEU A 256 -19.77 6.16 -6.85
C LEU A 256 -20.25 6.73 -8.19
N LYS A 257 -21.14 5.99 -8.89
CA LYS A 257 -21.71 6.46 -10.16
C LYS A 257 -22.56 7.73 -9.93
N GLU A 258 -23.22 7.85 -8.75
CA GLU A 258 -24.01 9.01 -8.30
C GLU A 258 -23.15 10.26 -8.02
N GLY A 259 -21.83 10.07 -7.90
CA GLY A 259 -20.86 11.14 -7.61
C GLY A 259 -20.54 11.29 -6.14
N LYS A 260 -21.04 10.36 -5.31
CA LYS A 260 -20.79 10.40 -3.86
C LYS A 260 -19.37 9.89 -3.57
N ARG A 261 -18.68 10.55 -2.65
CA ARG A 261 -17.31 10.21 -2.28
C ARG A 261 -17.15 10.23 -0.78
N LEU A 262 -16.03 9.69 -0.28
CA LEU A 262 -15.69 9.76 1.14
C LEU A 262 -15.69 11.23 1.63
N PRO A 263 -16.22 11.53 2.84
CA PRO A 263 -16.25 12.93 3.31
C PRO A 263 -14.86 13.49 3.65
N CYS A 264 -14.79 14.80 3.83
CA CYS A 264 -13.55 15.48 4.18
C CYS A 264 -13.11 15.08 5.60
N PRO A 265 -11.86 14.57 5.78
CA PRO A 265 -11.40 14.25 7.15
C PRO A 265 -11.50 15.45 8.07
N PRO A 266 -11.86 15.26 9.36
CA PRO A 266 -11.91 16.43 10.25
C PRO A 266 -10.52 17.07 10.32
N ASN A 267 -10.51 18.41 10.30
CA ASN A 267 -9.32 19.26 10.34
C ASN A 267 -8.47 19.17 9.05
N CYS A 268 -8.99 18.58 7.96
CA CYS A 268 -8.27 18.54 6.68
C CYS A 268 -8.65 19.79 5.87
N PRO A 269 -7.67 20.65 5.46
CA PRO A 269 -8.01 21.84 4.66
C PRO A 269 -8.72 21.50 3.35
N ASP A 270 -9.62 22.38 2.88
CA ASP A 270 -10.31 22.09 1.63
C ASP A 270 -9.37 21.90 0.44
N GLU A 271 -8.23 22.63 0.41
CA GLU A 271 -7.25 22.49 -0.69
C GLU A 271 -6.61 21.09 -0.77
N VAL A 272 -6.42 20.45 0.41
CA VAL A 272 -5.89 19.08 0.49
C VAL A 272 -7.03 18.14 0.02
N TYR A 273 -8.27 18.38 0.50
CA TYR A 273 -9.44 17.58 0.09
C TYR A 273 -9.69 17.67 -1.42
N GLN A 274 -9.40 18.83 -2.02
CA GLN A 274 -9.55 19.01 -3.46
C GLN A 274 -8.55 18.13 -4.23
N LEU A 275 -7.30 17.97 -3.72
CA LEU A 275 -6.31 17.08 -4.35
C LEU A 275 -6.82 15.64 -4.23
N MET A 276 -7.42 15.29 -3.09
CA MET A 276 -7.98 13.96 -2.82
C MET A 276 -9.10 13.68 -3.80
N ARG A 277 -10.01 14.66 -4.02
CA ARG A 277 -11.12 14.50 -4.95
C ARG A 277 -10.65 14.24 -6.40
N LYS A 278 -9.50 14.82 -6.80
CA LYS A 278 -8.93 14.60 -8.14
C LYS A 278 -8.50 13.15 -8.32
N CYS A 279 -8.19 12.44 -7.20
CA CYS A 279 -7.83 11.02 -7.27
C CYS A 279 -9.07 10.23 -7.60
N TRP A 280 -10.24 10.80 -7.29
CA TRP A 280 -11.47 10.05 -7.43
C TRP A 280 -12.35 10.48 -8.61
N GLU A 281 -11.72 10.85 -9.74
CA GLU A 281 -12.51 11.16 -10.94
C GLU A 281 -12.99 9.80 -11.47
N PHE A 282 -14.29 9.68 -11.74
CA PHE A 282 -14.91 8.42 -12.16
C PHE A 282 -14.18 7.75 -13.31
N GLN A 283 -13.89 8.50 -14.39
CA GLN A 283 -13.21 7.90 -15.52
C GLN A 283 -11.71 7.86 -15.26
N PRO A 284 -11.05 6.70 -15.51
CA PRO A 284 -9.58 6.63 -15.32
C PRO A 284 -8.74 7.53 -16.28
N SER A 285 -9.36 8.57 -16.92
CA SER A 285 -8.79 9.59 -17.80
C SER A 285 -8.84 10.97 -17.10
N ASN A 286 -10.00 11.34 -16.53
CA ASN A 286 -10.11 12.61 -15.80
C ASN A 286 -9.23 12.52 -14.56
N ARG A 287 -8.66 11.30 -14.39
CA ARG A 287 -7.73 10.91 -13.37
C ARG A 287 -6.30 11.20 -13.75
N THR A 288 -5.82 12.13 -12.97
CA THR A 288 -4.47 12.62 -12.84
C THR A 288 -3.43 11.47 -12.65
N SER A 289 -2.17 11.89 -12.69
CA SER A 289 -1.00 11.07 -12.46
C SER A 289 -0.41 11.41 -11.08
N PHE A 290 0.50 10.57 -10.62
CA PHE A 290 1.23 10.79 -9.38
C PHE A 290 2.10 12.03 -9.50
N GLN A 291 2.74 12.25 -10.69
CA GLN A 291 3.61 13.43 -10.94
C GLN A 291 2.79 14.70 -10.69
N ASN A 292 1.60 14.73 -11.23
CA ASN A 292 0.68 15.82 -11.04
C ASN A 292 0.34 16.08 -9.55
N LEU A 293 0.06 15.01 -8.74
CA LEU A 293 -0.22 15.14 -7.31
C LEU A 293 0.99 15.67 -6.50
N ILE A 294 2.20 15.21 -6.85
CA ILE A 294 3.43 15.64 -6.16
C ILE A 294 3.51 17.18 -6.28
N GLU A 295 3.31 17.70 -7.50
CA GLU A 295 3.31 19.15 -7.76
C GLU A 295 2.31 19.88 -6.84
N GLY A 296 1.10 19.29 -6.69
CA GLY A 296 0.04 19.81 -5.84
C GLY A 296 0.42 19.93 -4.38
N PHE A 297 0.96 18.84 -3.80
CA PHE A 297 1.36 18.82 -2.39
C PHE A 297 2.56 19.76 -2.12
N GLU A 298 3.55 19.77 -3.01
CA GLU A 298 4.75 20.62 -2.89
C GLU A 298 4.37 22.10 -2.86
N ALA A 299 3.35 22.50 -3.67
CA ALA A 299 2.83 23.87 -3.72
C ALA A 299 2.20 24.25 -2.38
N LEU A 300 1.54 23.28 -1.71
CA LEU A 300 0.93 23.49 -0.40
C LEU A 300 1.97 23.55 0.72
N LEU A 301 3.14 22.92 0.52
CA LEU A 301 4.21 22.87 1.51
C LEU A 301 5.10 24.14 1.49
N LYS A 302 5.02 24.92 0.40
CA LYS A 302 5.77 26.15 0.19
C LYS A 302 4.86 27.37 0.39
C4 KF4 B . 2.13 -8.43 6.30
C14 KF4 B . 7.47 -5.73 5.49
C5 KF4 B . 2.24 -7.70 7.49
C6 KF4 B . 2.74 -6.39 7.48
C11 KF4 B . 7.53 -4.43 8.88
C7 KF4 B . 2.76 -5.64 8.76
C8 KF4 B . 3.83 -4.97 9.39
C9 KF4 B . 3.28 -4.36 10.56
C10 KF4 B . 6.25 -4.45 9.60
C12 KF4 B . 8.76 -3.88 9.28
C13 KF4 B . 7.76 -4.91 7.58
N1 KF4 B . 1.65 -5.44 9.48
N2 KF4 B . 5.16 -4.91 8.89
C3 KF4 B . 2.53 -7.85 5.08
N3 KF4 B . 9.69 -3.98 8.35
O1 KF4 B . 6.18 -4.07 10.77
N5 KF4 B . 6.93 -5.49 6.67
C15 KF4 B . 8.82 -5.46 5.14
C16 KF4 B . 9.62 -4.89 6.08
N4 KF4 B . 9.08 -4.61 7.31
N KF4 B . 1.98 -4.67 10.54
C1 KF4 B . 3.14 -5.83 6.26
O KF4 B . 3.56 -4.52 6.32
C KF4 B . 3.78 -3.83 5.08
C17 KF4 B . 1.70 -9.73 5.93
N6 KF4 B . 1.82 -9.93 4.63
N7 KF4 B . 2.32 -8.77 4.11
C2 KF4 B . 3.05 -6.55 5.08
C1 GOL C . -1.78 -7.39 6.70
O1 GOL C . -2.09 -6.08 7.17
C2 GOL C . -1.75 -7.43 5.20
O2 GOL C . -3.02 -7.06 4.65
C3 GOL C . -0.69 -6.49 4.67
O3 GOL C . -0.52 -6.68 3.28
#